data_6BDN
#
_entry.id   6BDN
#
_cell.length_a   55.187
_cell.length_b   59.897
_cell.length_c   110.177
_cell.angle_alpha   90.000
_cell.angle_beta   90.000
_cell.angle_gamma   90.000
#
_symmetry.space_group_name_H-M   'P 21 21 21'
#
loop_
_entity.id
_entity.type
_entity.pdbx_description
1 polymer 'Serine/threonine-protein kinase TAO3'
2 non-polymer 'PHOSPHATE ION'
3 non-polymer 'SULFATE ION'
4 non-polymer 'MAGNESIUM ION'
5 non-polymer "ADENOSINE-5'-DIPHOSPHATE"
6 water water
#
_entity_poly.entity_id   1
_entity_poly.type   'polypeptide(L)'
_entity_poly.pdbx_seq_one_letter_code
;PLGSMAAGVLKDPEIADLFYKDDPEELFIGLHEIGHGSFGAVYFATNAHTSEVVAIKKMSYSGKQTHEKWQDILKEVKFL
RQLKHPNTIEYKGCYLKEHTAWLVMEYCLGSASDLLEVHKKPLQEVEIAAITHGALHGLAYLHSHALIHRDIKAGNILLT
EPGQVKLADFGSASMASPANSFVGTPYWMAPEVILAMDEGQYDGKVDIWSLGITCIELAERKPPLFNMNAMSALYHIAQN
DSPTLQSNEWTDSFRRFVDYCLQKIPQERPTSAELLRHDFVRRDRPLRVLIDLIQRTKDAVRELDNLQYRKMKKILFQET
;
_entity_poly.pdbx_strand_id   A
#
loop_
_chem_comp.id
_chem_comp.type
_chem_comp.name
_chem_comp.formula
ADP non-polymer ADENOSINE-5'-DIPHOSPHATE 'C10 H15 N5 O10 P2'
MG non-polymer 'MAGNESIUM ION' 'Mg 2'
PO4 non-polymer 'PHOSPHATE ION' 'O4 P -3'
SO4 non-polymer 'SULFATE ION' 'O4 S -2'
#
# COMPACT_ATOMS: atom_id res chain seq x y z
N ASP A 12 25.04 0.67 17.25
CA ASP A 12 25.31 1.96 17.85
C ASP A 12 24.08 2.75 18.19
N PRO A 13 24.34 3.95 18.82
CA PRO A 13 23.15 4.71 19.19
C PRO A 13 22.26 5.02 18.00
N GLU A 14 22.83 5.20 16.83
CA GLU A 14 22.04 5.47 15.64
C GLU A 14 21.01 4.39 15.44
N ILE A 15 21.34 3.15 15.72
CA ILE A 15 20.32 2.09 15.64
C ILE A 15 19.50 1.92 16.92
N ALA A 16 20.13 1.99 18.11
CA ALA A 16 19.41 1.80 19.38
C ALA A 16 18.30 2.83 19.52
N ASP A 17 18.61 4.09 19.09
CA ASP A 17 17.64 5.24 19.13
C ASP A 17 16.35 5.04 18.31
N LEU A 18 16.31 4.05 17.45
CA LEU A 18 15.07 3.77 16.72
C LEU A 18 14.06 3.11 17.65
N PHE A 19 14.45 2.47 18.74
CA PHE A 19 13.58 1.54 19.45
C PHE A 19 13.24 2.00 20.81
N TYR A 20 12.02 1.74 21.24
CA TYR A 20 11.70 1.91 22.63
C TYR A 20 12.41 0.82 23.43
N LYS A 21 12.57 1.08 24.72
CA LYS A 21 13.34 0.18 25.58
C LYS A 21 12.59 -0.75 26.42
N ASP A 22 11.27 -0.65 26.48
CA ASP A 22 10.43 -1.55 27.22
C ASP A 22 9.91 -2.74 26.48
N ASP A 23 9.50 -3.77 27.21
CA ASP A 23 9.12 -5.04 26.60
C ASP A 23 7.70 -4.93 26.12
N PRO A 24 7.51 -5.04 24.81
CA PRO A 24 6.13 -4.93 24.31
C PRO A 24 5.14 -6.04 24.70
N GLU A 25 5.68 -7.17 25.18
CA GLU A 25 4.90 -8.41 25.40
C GLU A 25 3.86 -8.21 26.43
N GLU A 26 4.21 -7.45 27.45
CA GLU A 26 3.25 -7.06 28.43
C GLU A 26 2.30 -5.97 28.02
N LEU A 27 2.80 -5.10 27.15
CA LEU A 27 2.10 -3.86 26.92
C LEU A 27 0.82 -4.06 25.99
N PHE A 28 0.95 -4.98 25.05
CA PHE A 28 -0.19 -5.18 24.13
C PHE A 28 -0.92 -6.54 24.37
N ILE A 29 -2.19 -6.50 24.36
CA ILE A 29 -2.99 -7.70 24.66
C ILE A 29 -3.83 -8.01 23.49
N GLY A 30 -4.43 -9.21 23.51
CA GLY A 30 -5.50 -9.47 22.56
C GLY A 30 -5.06 -9.40 21.11
N LEU A 31 -3.94 -10.05 20.81
CA LEU A 31 -3.39 -10.06 19.43
C LEU A 31 -4.23 -10.95 18.54
N HIS A 32 -4.63 -10.46 17.37
CA HIS A 32 -5.31 -11.27 16.31
C HIS A 32 -4.66 -10.95 15.01
N GLU A 33 -4.20 -11.96 14.22
CA GLU A 33 -3.59 -11.70 12.96
C GLU A 33 -4.53 -11.04 12.00
N ILE A 34 -4.03 -10.03 11.31
CA ILE A 34 -4.72 -9.29 10.23
C ILE A 34 -3.93 -9.21 8.92
N GLY A 35 -2.75 -9.78 8.85
CA GLY A 35 -1.94 -9.82 7.64
C GLY A 35 -0.67 -10.57 7.85
N HIS A 36 0.01 -10.78 6.72
N HIS A 36 0.02 -10.94 6.75
CA HIS A 36 1.30 -11.44 6.78
CA HIS A 36 1.27 -11.77 6.84
C HIS A 36 2.15 -11.01 5.61
C HIS A 36 2.09 -11.42 5.59
N GLY A 37 3.43 -11.32 5.77
CA GLY A 37 4.42 -11.12 4.65
C GLY A 37 5.65 -11.94 4.99
N SER A 38 6.73 -11.78 4.24
CA SER A 38 7.94 -12.62 4.52
C SER A 38 8.58 -12.47 5.93
N PHE A 39 8.36 -11.30 6.49
N PHE A 39 8.41 -11.31 6.55
CA PHE A 39 8.87 -10.89 7.75
CA PHE A 39 9.02 -11.07 7.87
C PHE A 39 8.18 -11.53 8.97
C PHE A 39 8.17 -11.56 9.06
N GLY A 40 6.90 -11.88 8.85
CA GLY A 40 6.07 -12.31 9.93
C GLY A 40 4.67 -11.79 9.71
N ALA A 41 3.95 -11.65 10.81
CA ALA A 41 2.59 -11.29 10.72
C ALA A 41 2.35 -9.88 11.24
N VAL A 42 1.18 -9.38 10.91
CA VAL A 42 0.57 -8.17 11.41
C VAL A 42 -0.58 -8.47 12.24
N TYR A 43 -0.77 -7.76 13.35
CA TYR A 43 -1.83 -8.03 14.31
C TYR A 43 -2.62 -6.83 14.69
N PHE A 44 -3.91 -7.01 14.91
CA PHE A 44 -4.76 -6.16 15.73
C PHE A 44 -4.37 -6.36 17.14
N ALA A 45 -4.22 -5.30 17.93
CA ALA A 45 -3.86 -5.44 19.38
C ALA A 45 -4.37 -4.22 20.09
N THR A 46 -4.47 -4.38 21.44
CA THR A 46 -4.92 -3.31 22.33
C THR A 46 -3.87 -3.07 23.39
N ASN A 47 -3.55 -1.78 23.58
CA ASN A 47 -2.67 -1.38 24.74
C ASN A 47 -3.52 -1.60 26.05
N ALA A 48 -2.93 -2.42 26.86
CA ALA A 48 -3.51 -2.90 28.11
C ALA A 48 -3.78 -1.77 29.09
N HIS A 49 -3.00 -0.69 29.01
CA HIS A 49 -3.20 0.43 29.91
C HIS A 49 -4.06 1.54 29.40
N THR A 50 -3.89 1.89 28.12
CA THR A 50 -4.66 2.96 27.56
C THR A 50 -5.91 2.56 26.81
N SER A 51 -6.06 1.23 26.57
CA SER A 51 -7.17 0.66 25.77
C SER A 51 -7.06 1.00 24.28
N GLU A 52 -6.03 1.68 23.81
CA GLU A 52 -5.98 2.07 22.42
C GLU A 52 -5.76 0.84 21.53
N VAL A 53 -6.48 0.81 20.42
CA VAL A 53 -6.26 -0.24 19.43
C VAL A 53 -5.25 0.18 18.45
N VAL A 54 -4.33 -0.74 18.16
CA VAL A 54 -3.24 -0.47 17.24
C VAL A 54 -3.09 -1.67 16.27
N ALA A 55 -2.28 -1.48 15.23
CA ALA A 55 -1.73 -2.55 14.44
C ALA A 55 -0.27 -2.77 14.77
N ILE A 56 0.12 -4.03 14.90
CA ILE A 56 1.53 -4.37 15.17
C ILE A 56 2.08 -5.21 14.04
N LYS A 57 3.05 -4.74 13.31
CA LYS A 57 3.76 -5.52 12.33
C LYS A 57 5.00 -6.13 13.00
N LYS A 58 4.98 -7.46 13.24
CA LYS A 58 6.10 -8.13 13.84
C LYS A 58 7.00 -8.60 12.76
N MET A 59 8.23 -8.15 12.79
CA MET A 59 9.24 -8.47 11.76
C MET A 59 10.43 -9.20 12.43
N SER A 60 10.53 -10.48 12.09
CA SER A 60 11.64 -11.29 12.62
C SER A 60 12.86 -11.15 11.75
N TYR A 61 14.02 -11.17 12.42
CA TYR A 61 15.35 -11.19 11.71
C TYR A 61 16.20 -12.35 12.29
N SER A 62 15.54 -13.39 12.77
CA SER A 62 16.21 -14.70 12.99
C SER A 62 16.62 -15.41 11.74
N GLY A 63 17.58 -16.33 11.96
CA GLY A 63 17.93 -17.31 10.95
C GLY A 63 18.83 -16.80 9.84
N LYS A 64 18.77 -17.49 8.72
CA LYS A 64 19.78 -17.41 7.71
C LYS A 64 19.68 -16.09 7.01
N GLN A 65 18.49 -15.49 7.03
CA GLN A 65 18.41 -14.25 6.33
C GLN A 65 18.52 -13.04 7.27
N THR A 66 19.24 -13.23 8.37
CA THR A 66 19.23 -12.19 9.43
C THR A 66 19.73 -10.85 8.94
N HIS A 67 20.81 -10.82 8.17
CA HIS A 67 21.33 -9.54 7.82
C HIS A 67 20.36 -8.66 6.97
N GLU A 68 19.90 -9.28 5.87
CA GLU A 68 18.95 -8.63 4.96
C GLU A 68 17.65 -8.26 5.70
N LYS A 69 17.20 -9.14 6.59
CA LYS A 69 15.96 -8.94 7.32
C LYS A 69 16.09 -7.73 8.27
N TRP A 70 17.23 -7.65 8.98
CA TRP A 70 17.50 -6.58 9.88
C TRP A 70 17.65 -5.30 9.10
N GLN A 71 18.39 -5.26 7.99
CA GLN A 71 18.48 -4.06 7.20
C GLN A 71 17.10 -3.58 6.74
N ASP A 72 16.27 -4.49 6.37
CA ASP A 72 14.93 -4.10 5.90
C ASP A 72 14.08 -3.51 7.04
N ILE A 73 14.17 -4.07 8.22
CA ILE A 73 13.51 -3.51 9.39
C ILE A 73 13.99 -2.08 9.58
N LEU A 74 15.30 -1.92 9.62
CA LEU A 74 15.86 -0.61 9.85
C LEU A 74 15.43 0.46 8.81
N LYS A 75 15.47 0.09 7.54
CA LYS A 75 14.98 0.94 6.50
C LYS A 75 13.48 1.32 6.64
N GLU A 76 12.69 0.34 7.02
CA GLU A 76 11.23 0.60 7.13
C GLU A 76 10.94 1.54 8.35
N VAL A 77 11.59 1.24 9.50
CA VAL A 77 11.47 2.08 10.65
C VAL A 77 11.97 3.50 10.39
N LYS A 78 13.12 3.65 9.75
CA LYS A 78 13.64 4.98 9.49
C LYS A 78 12.73 5.73 8.60
N PHE A 79 12.12 5.07 7.63
CA PHE A 79 11.24 5.73 6.73
C PHE A 79 9.96 6.20 7.41
N LEU A 80 9.31 5.29 8.18
CA LEU A 80 8.08 5.63 8.88
C LEU A 80 8.31 6.80 9.89
N ARG A 81 9.49 6.80 10.48
CA ARG A 81 9.80 7.85 11.50
C ARG A 81 9.68 9.26 11.00
N GLN A 82 9.86 9.44 9.71
CA GLN A 82 9.84 10.77 9.13
C GLN A 82 8.50 11.29 8.66
N LEU A 83 7.45 10.50 8.72
CA LEU A 83 6.18 10.81 8.14
C LEU A 83 5.19 11.51 9.07
N LYS A 84 4.46 12.46 8.54
CA LYS A 84 3.36 13.15 9.20
C LYS A 84 2.41 13.65 8.13
N HIS A 85 1.37 12.91 7.87
CA HIS A 85 0.42 13.27 6.85
C HIS A 85 -0.87 12.44 7.00
N PRO A 86 -2.04 12.96 6.83
CA PRO A 86 -3.33 12.23 7.05
C PRO A 86 -3.52 11.03 6.13
N ASN A 87 -2.88 10.98 4.97
CA ASN A 87 -2.99 9.86 4.13
C ASN A 87 -1.74 8.98 4.07
N THR A 88 -0.91 9.03 5.07
CA THR A 88 0.10 8.03 5.33
C THR A 88 -0.20 7.41 6.68
N ILE A 89 0.01 6.07 6.77
CA ILE A 89 -0.27 5.43 8.01
C ILE A 89 0.45 6.07 9.21
N GLU A 90 -0.25 6.30 10.28
CA GLU A 90 0.39 6.86 11.47
C GLU A 90 1.32 5.88 12.13
N TYR A 91 2.55 6.30 12.39
CA TYR A 91 3.54 5.50 13.03
C TYR A 91 3.60 5.76 14.52
N LYS A 92 3.64 4.72 15.34
CA LYS A 92 3.62 4.88 16.78
C LYS A 92 4.95 4.53 17.44
N GLY A 93 5.96 4.10 16.71
CA GLY A 93 7.19 3.70 17.20
C GLY A 93 7.40 2.17 17.10
N CYS A 94 8.52 1.70 17.60
CA CYS A 94 8.95 0.36 17.40
C CYS A 94 9.62 -0.20 18.66
N TYR A 95 9.24 -1.44 18.98
CA TYR A 95 9.79 -2.17 20.13
C TYR A 95 10.67 -3.31 19.60
N LEU A 96 11.52 -3.91 20.46
CA LEU A 96 12.35 -4.99 20.07
C LEU A 96 12.35 -6.04 21.12
N LYS A 97 12.14 -7.29 20.69
CA LYS A 97 12.28 -8.45 21.62
C LYS A 97 12.72 -9.68 20.86
N GLU A 98 13.77 -10.36 21.34
CA GLU A 98 14.02 -11.73 20.81
C GLU A 98 13.99 -11.89 19.29
N HIS A 99 14.84 -11.08 18.66
CA HIS A 99 14.99 -11.04 17.20
C HIS A 99 13.70 -10.73 16.41
N THR A 100 12.83 -9.94 17.04
CA THR A 100 11.57 -9.52 16.43
C THR A 100 11.35 -8.03 16.77
N ALA A 101 11.23 -7.26 15.74
CA ALA A 101 10.84 -5.86 15.88
C ALA A 101 9.33 -5.78 15.83
N TRP A 102 8.76 -5.01 16.74
CA TRP A 102 7.30 -4.78 16.81
C TRP A 102 7.05 -3.36 16.38
N LEU A 103 6.64 -3.20 15.10
CA LEU A 103 6.40 -1.87 14.51
C LEU A 103 4.95 -1.56 14.74
N VAL A 104 4.66 -0.47 15.45
CA VAL A 104 3.29 -0.18 15.87
C VAL A 104 2.76 0.98 15.07
N MET A 105 1.51 0.82 14.53
CA MET A 105 0.84 1.76 13.66
C MET A 105 -0.59 1.94 14.11
N GLU A 106 -1.21 2.98 13.61
CA GLU A 106 -2.63 3.11 13.73
C GLU A 106 -3.28 1.89 13.00
N TYR A 107 -4.41 1.55 13.59
CA TYR A 107 -5.15 0.38 13.08
C TYR A 107 -6.14 0.73 11.99
N CYS A 108 -6.09 -0.02 10.87
CA CYS A 108 -7.01 0.17 9.77
C CYS A 108 -7.89 -1.06 9.60
N LEU A 109 -9.09 -0.83 9.05
CA LEU A 109 -10.01 -1.94 8.82
C LEU A 109 -9.49 -3.01 7.86
N GLY A 110 -8.82 -2.59 6.82
CA GLY A 110 -8.36 -3.53 5.80
C GLY A 110 -7.77 -2.75 4.62
N SER A 111 -7.22 -3.47 3.66
CA SER A 111 -6.68 -2.90 2.46
C SER A 111 -7.70 -2.84 1.36
N ALA A 112 -7.41 -2.09 0.31
CA ALA A 112 -8.25 -2.07 -0.84
C ALA A 112 -8.32 -3.44 -1.52
N SER A 113 -7.25 -4.21 -1.44
CA SER A 113 -7.22 -5.60 -1.95
C SER A 113 -8.24 -6.44 -1.16
N ASP A 114 -8.31 -6.25 0.14
CA ASP A 114 -9.30 -6.95 1.01
C ASP A 114 -10.70 -6.60 0.50
N LEU A 115 -10.98 -5.36 0.15
CA LEU A 115 -12.32 -4.95 -0.29
C LEU A 115 -12.62 -5.70 -1.57
N LEU A 116 -11.68 -5.79 -2.45
CA LEU A 116 -11.84 -6.65 -3.68
C LEU A 116 -12.13 -8.10 -3.36
N GLU A 117 -11.42 -8.66 -2.46
CA GLU A 117 -11.57 -10.06 -2.10
C GLU A 117 -12.94 -10.35 -1.45
N VAL A 118 -13.42 -9.44 -0.66
CA VAL A 118 -14.72 -9.65 0.03
C VAL A 118 -15.82 -9.67 -1.02
N HIS A 119 -15.81 -8.76 -1.98
CA HIS A 119 -16.91 -8.63 -2.94
C HIS A 119 -16.77 -9.53 -4.16
N LYS A 120 -15.55 -9.97 -4.46
CA LYS A 120 -15.28 -10.78 -5.66
C LYS A 120 -15.79 -10.05 -6.92
N LYS A 121 -15.65 -8.72 -6.96
CA LYS A 121 -16.07 -7.89 -8.03
C LYS A 121 -15.19 -6.64 -7.99
N PRO A 122 -15.11 -5.93 -9.10
CA PRO A 122 -14.45 -4.63 -9.05
C PRO A 122 -15.17 -3.66 -8.13
N LEU A 123 -14.44 -2.68 -7.66
CA LEU A 123 -15.09 -1.58 -6.95
C LEU A 123 -15.88 -0.71 -7.87
N GLN A 124 -16.79 0.10 -7.30
CA GLN A 124 -17.53 1.04 -8.11
C GLN A 124 -16.57 2.14 -8.58
N GLU A 125 -16.77 2.70 -9.77
CA GLU A 125 -15.89 3.79 -10.20
C GLU A 125 -15.72 4.94 -9.20
N VAL A 126 -16.79 5.43 -8.55
N VAL A 126 -16.82 5.32 -8.57
CA VAL A 126 -16.65 6.53 -7.57
CA VAL A 126 -16.80 6.38 -7.63
C VAL A 126 -15.82 6.11 -6.33
C VAL A 126 -15.86 6.08 -6.41
N GLU A 127 -15.90 4.81 -6.01
CA GLU A 127 -15.03 4.28 -4.94
C GLU A 127 -13.58 4.32 -5.38
N ILE A 128 -13.33 3.88 -6.59
CA ILE A 128 -11.98 4.00 -7.15
C ILE A 128 -11.42 5.43 -7.10
N ALA A 129 -12.27 6.39 -7.46
CA ALA A 129 -11.90 7.76 -7.45
C ALA A 129 -11.56 8.25 -6.10
N ALA A 130 -12.42 7.91 -5.13
CA ALA A 130 -12.16 8.35 -3.74
C ALA A 130 -10.84 7.83 -3.20
N ILE A 131 -10.65 6.51 -3.46
CA ILE A 131 -9.41 5.87 -2.96
C ILE A 131 -8.20 6.49 -3.64
N THR A 132 -8.29 6.60 -4.98
CA THR A 132 -7.25 7.26 -5.73
C THR A 132 -6.91 8.69 -5.24
N HIS A 133 -7.97 9.47 -4.93
CA HIS A 133 -7.79 10.81 -4.51
C HIS A 133 -6.93 10.89 -3.20
N GLY A 134 -7.32 10.02 -2.24
CA GLY A 134 -6.59 10.01 -0.99
C GLY A 134 -5.13 9.55 -1.16
N ALA A 135 -5.00 8.49 -1.98
CA ALA A 135 -3.66 8.00 -2.30
C ALA A 135 -2.74 9.09 -2.96
N LEU A 136 -3.36 9.87 -3.79
CA LEU A 136 -2.63 10.97 -4.43
C LEU A 136 -2.17 12.06 -3.49
N HIS A 137 -3.00 12.39 -2.50
CA HIS A 137 -2.49 13.29 -1.51
C HIS A 137 -1.28 12.77 -0.78
N GLY A 138 -1.33 11.44 -0.40
CA GLY A 138 -0.17 10.89 0.22
C GLY A 138 1.08 10.92 -0.64
N LEU A 139 0.89 10.58 -1.92
CA LEU A 139 2.00 10.60 -2.90
C LEU A 139 2.56 11.98 -3.15
N ALA A 140 1.66 12.94 -3.24
CA ALA A 140 2.16 14.35 -3.37
C ALA A 140 2.99 14.78 -2.16
N TYR A 141 2.54 14.42 -0.96
CA TYR A 141 3.36 14.66 0.24
C TYR A 141 4.68 14.00 0.13
N LEU A 142 4.68 12.64 -0.16
CA LEU A 142 5.93 11.95 -0.23
C LEU A 142 6.91 12.62 -1.22
N HIS A 143 6.40 12.79 -2.42
CA HIS A 143 7.29 13.30 -3.50
C HIS A 143 7.86 14.71 -3.18
N SER A 144 7.04 15.49 -2.48
CA SER A 144 7.51 16.82 -2.09
C SER A 144 8.60 16.73 -1.08
N HIS A 145 8.76 15.60 -0.37
CA HIS A 145 9.81 15.38 0.54
C HIS A 145 10.98 14.57 0.01
N ALA A 146 11.02 14.39 -1.31
CA ALA A 146 12.09 13.65 -2.02
C ALA A 146 12.04 12.17 -1.68
N LEU A 147 10.82 11.73 -1.44
CA LEU A 147 10.62 10.31 -1.09
C LEU A 147 9.91 9.61 -2.23
N ILE A 148 9.98 8.27 -2.28
CA ILE A 148 9.28 7.49 -3.30
C ILE A 148 8.74 6.20 -2.57
N HIS A 149 7.50 5.84 -2.79
CA HIS A 149 6.91 4.65 -2.07
C HIS A 149 7.49 3.33 -2.69
N ARG A 150 7.35 3.27 -4.02
CA ARG A 150 7.89 2.15 -4.82
C ARG A 150 7.12 0.84 -4.73
N ASP A 151 6.11 0.76 -3.89
CA ASP A 151 5.27 -0.49 -3.86
C ASP A 151 3.80 -0.19 -3.79
N ILE A 152 3.32 0.80 -4.53
CA ILE A 152 1.90 1.11 -4.61
C ILE A 152 1.11 0.00 -5.32
N LYS A 153 0.11 -0.51 -4.60
CA LYS A 153 -0.77 -1.59 -5.04
C LYS A 153 -1.96 -1.64 -4.11
N ALA A 154 -3.00 -2.27 -4.49
CA ALA A 154 -4.22 -2.27 -3.63
C ALA A 154 -3.97 -2.86 -2.27
N GLY A 155 -3.05 -3.84 -2.07
CA GLY A 155 -2.84 -4.37 -0.80
C GLY A 155 -2.07 -3.46 0.15
N ASN A 156 -1.49 -2.33 -0.40
CA ASN A 156 -0.72 -1.40 0.44
C ASN A 156 -1.46 -0.06 0.54
N ILE A 157 -2.72 -0.01 0.12
CA ILE A 157 -3.58 1.19 0.34
C ILE A 157 -4.63 0.71 1.36
N LEU A 158 -4.65 1.34 2.54
CA LEU A 158 -5.57 0.87 3.59
C LEU A 158 -6.67 1.87 3.82
N LEU A 159 -7.72 1.42 4.44
CA LEU A 159 -8.83 2.23 4.84
C LEU A 159 -9.03 2.14 6.32
N THR A 160 -9.16 3.29 7.02
CA THR A 160 -9.51 3.18 8.39
C THR A 160 -11.01 2.93 8.45
N GLU A 161 -11.49 2.42 9.60
CA GLU A 161 -12.92 2.15 9.73
C GLU A 161 -13.82 3.36 9.48
N PRO A 162 -13.37 4.54 9.89
CA PRO A 162 -14.12 5.79 9.54
C PRO A 162 -14.07 6.23 8.10
N GLY A 163 -13.28 5.57 7.27
CA GLY A 163 -13.24 5.81 5.84
C GLY A 163 -12.11 6.64 5.28
N GLN A 164 -10.97 6.71 5.96
CA GLN A 164 -9.87 7.50 5.49
C GLN A 164 -8.84 6.56 4.84
N VAL A 165 -8.24 7.07 3.79
CA VAL A 165 -7.28 6.35 2.95
C VAL A 165 -5.87 6.55 3.51
N LYS A 166 -5.13 5.49 3.70
CA LYS A 166 -3.80 5.53 4.25
C LYS A 166 -2.84 4.78 3.32
N LEU A 167 -1.74 5.39 2.84
CA LEU A 167 -0.67 4.59 2.23
C LEU A 167 0.03 3.90 3.36
N ALA A 168 0.36 2.60 3.13
CA ALA A 168 1.10 1.77 4.07
C ALA A 168 2.15 0.97 3.33
N ASP A 169 2.90 0.14 4.08
CA ASP A 169 3.95 -0.73 3.54
C ASP A 169 5.04 0.09 2.90
N PHE A 170 5.93 0.63 3.73
CA PHE A 170 7.06 1.38 3.27
C PHE A 170 8.31 0.55 3.21
N GLY A 171 8.11 -0.76 3.08
CA GLY A 171 9.21 -1.67 3.01
C GLY A 171 10.10 -1.64 1.79
N SER A 172 9.68 -0.96 0.78
CA SER A 172 10.45 -0.74 -0.49
C SER A 172 10.80 0.67 -0.76
N ALA A 173 10.47 1.53 0.18
CA ALA A 173 10.48 2.97 -0.10
C ALA A 173 11.90 3.60 -0.17
N SER A 174 11.99 4.71 -0.90
CA SER A 174 13.24 5.43 -1.08
C SER A 174 13.24 6.75 -0.25
N MET A 175 14.35 6.93 0.44
CA MET A 175 14.58 8.19 1.21
C MET A 175 15.09 9.30 0.35
N ALA A 176 15.29 9.05 -0.94
CA ALA A 176 15.82 10.04 -1.88
C ALA A 176 15.21 9.91 -3.22
N SER A 177 15.36 10.93 -4.02
CA SER A 177 14.87 10.97 -5.36
C SER A 177 15.83 11.88 -6.13
N PRO A 178 16.42 11.44 -7.23
CA PRO A 178 16.10 10.20 -7.92
C PRO A 178 16.68 9.04 -7.19
N ALA A 179 16.22 7.83 -7.59
CA ALA A 179 16.70 6.58 -7.02
C ALA A 179 17.03 5.60 -8.12
N ASN A 180 17.65 4.51 -7.73
CA ASN A 180 18.03 3.52 -8.70
C ASN A 180 17.64 2.08 -8.45
N SER A 181 17.21 1.73 -7.24
CA SER A 181 17.15 0.30 -6.90
C SER A 181 16.06 -0.41 -7.63
N PHE A 182 16.33 -1.68 -7.97
CA PHE A 182 15.36 -2.52 -8.68
C PHE A 182 14.46 -3.13 -7.61
N VAL A 183 13.39 -2.42 -7.24
CA VAL A 183 12.53 -2.78 -6.15
C VAL A 183 11.08 -2.52 -6.55
N GLY A 184 10.15 -3.20 -5.86
CA GLY A 184 8.75 -3.12 -6.21
C GLY A 184 8.15 -4.51 -6.31
N THR A 185 6.93 -4.57 -6.75
CA THR A 185 6.21 -5.83 -6.97
C THR A 185 6.06 -5.84 -8.49
N PRO A 186 6.61 -6.87 -9.17
CA PRO A 186 6.78 -6.82 -10.61
C PRO A 186 5.58 -6.33 -11.46
N TYR A 187 4.34 -6.81 -11.22
CA TYR A 187 3.23 -6.43 -12.03
C TYR A 187 2.92 -4.91 -11.97
N TRP A 188 3.29 -4.31 -10.83
CA TRP A 188 2.99 -2.88 -10.62
C TRP A 188 4.20 -2.01 -10.86
N MET A 189 5.32 -2.54 -11.29
CA MET A 189 6.55 -1.75 -11.47
C MET A 189 6.54 -0.96 -12.79
N ALA A 190 6.98 0.27 -12.66
CA ALA A 190 7.20 1.19 -13.79
C ALA A 190 8.31 0.70 -14.71
N PRO A 191 8.08 0.94 -16.00
CA PRO A 191 9.16 0.55 -16.96
C PRO A 191 10.50 1.13 -16.73
N GLU A 192 10.55 2.38 -16.23
CA GLU A 192 11.87 2.96 -16.01
C GLU A 192 12.59 2.36 -14.81
N VAL A 193 11.83 1.68 -13.86
CA VAL A 193 12.54 1.05 -12.77
C VAL A 193 13.29 -0.17 -13.38
N ILE A 194 12.56 -0.89 -14.19
CA ILE A 194 13.07 -2.14 -14.82
C ILE A 194 14.28 -1.79 -15.72
N LEU A 195 14.08 -0.79 -16.55
CA LEU A 195 15.16 -0.37 -17.49
C LEU A 195 16.39 0.17 -16.73
N ALA A 196 16.22 0.67 -15.50
CA ALA A 196 17.36 1.17 -14.73
C ALA A 196 18.27 0.07 -14.32
N MET A 197 17.76 -1.17 -14.20
CA MET A 197 18.62 -2.30 -13.89
C MET A 197 19.54 -2.03 -12.72
N ASP A 198 18.99 -1.40 -11.65
CA ASP A 198 19.72 -1.16 -10.39
C ASP A 198 20.81 -0.10 -10.45
N GLU A 199 20.96 0.53 -11.61
CA GLU A 199 21.99 1.52 -11.91
C GLU A 199 21.49 2.83 -12.35
N GLY A 200 20.53 2.87 -13.29
CA GLY A 200 19.99 4.10 -13.79
C GLY A 200 19.06 4.76 -12.75
N GLN A 201 18.40 5.81 -13.17
CA GLN A 201 17.59 6.68 -12.31
C GLN A 201 16.15 6.77 -12.68
N TYR A 202 15.34 6.97 -11.63
CA TYR A 202 13.93 7.26 -11.78
C TYR A 202 13.53 8.09 -10.54
N ASP A 203 12.31 8.60 -10.57
CA ASP A 203 11.85 9.52 -9.57
C ASP A 203 10.46 9.17 -9.13
N GLY A 204 9.77 10.05 -8.46
CA GLY A 204 8.51 9.73 -7.89
C GLY A 204 7.44 9.35 -8.81
N LYS A 205 7.61 9.67 -10.09
CA LYS A 205 6.61 9.30 -11.05
C LYS A 205 6.41 7.74 -11.22
N VAL A 206 7.41 7.02 -10.73
CA VAL A 206 7.18 5.54 -10.73
C VAL A 206 5.94 5.19 -9.89
N ASP A 207 5.68 5.98 -8.88
CA ASP A 207 4.47 5.69 -8.07
C ASP A 207 3.20 6.00 -8.82
N ILE A 208 3.24 6.95 -9.77
CA ILE A 208 2.12 7.24 -10.58
C ILE A 208 1.79 6.13 -11.58
N TRP A 209 2.82 5.53 -12.19
CA TRP A 209 2.62 4.31 -13.00
C TRP A 209 1.93 3.21 -12.11
N SER A 210 2.54 3.02 -10.94
CA SER A 210 2.01 1.96 -10.06
C SER A 210 0.58 2.25 -9.65
N LEU A 211 0.26 3.54 -9.41
CA LEU A 211 -1.11 3.92 -9.16
C LEU A 211 -2.08 3.61 -10.30
N GLY A 212 -1.59 3.88 -11.52
CA GLY A 212 -2.37 3.49 -12.69
C GLY A 212 -2.73 1.99 -12.77
N ILE A 213 -1.68 1.18 -12.51
CA ILE A 213 -1.85 -0.28 -12.43
C ILE A 213 -2.86 -0.57 -11.28
N THR A 214 -2.71 0.10 -10.14
CA THR A 214 -3.63 -0.10 -9.05
C THR A 214 -5.08 0.23 -9.45
N CYS A 215 -5.23 1.27 -10.22
CA CYS A 215 -6.55 1.59 -10.76
C CYS A 215 -7.19 0.45 -11.58
N ILE A 216 -6.33 -0.12 -12.40
CA ILE A 216 -6.75 -1.30 -13.19
C ILE A 216 -7.10 -2.45 -12.28
N GLU A 217 -6.27 -2.69 -11.27
CA GLU A 217 -6.49 -3.72 -10.27
C GLU A 217 -7.83 -3.57 -9.62
N LEU A 218 -8.21 -2.32 -9.23
CA LEU A 218 -9.45 -2.11 -8.56
C LEU A 218 -10.65 -2.24 -9.49
N ALA A 219 -10.37 -1.97 -10.77
CA ALA A 219 -11.40 -2.08 -11.81
C ALA A 219 -11.61 -3.48 -12.36
N GLU A 220 -10.59 -4.33 -12.25
CA GLU A 220 -10.55 -5.65 -12.95
C GLU A 220 -10.21 -6.78 -12.06
N ARG A 221 -9.97 -6.47 -10.74
CA ARG A 221 -9.69 -7.46 -9.71
C ARG A 221 -8.26 -7.90 -9.59
N LYS A 222 -7.48 -7.72 -10.64
CA LYS A 222 -6.08 -8.13 -10.69
C LYS A 222 -5.38 -7.17 -11.62
N PRO A 223 -4.05 -7.04 -11.47
CA PRO A 223 -3.28 -6.20 -12.40
C PRO A 223 -3.18 -6.95 -13.78
N PRO A 224 -2.76 -6.19 -14.78
CA PRO A 224 -2.42 -6.83 -16.04
C PRO A 224 -1.25 -7.77 -15.86
N LEU A 225 -1.16 -8.77 -16.75
CA LEU A 225 -0.04 -9.68 -16.84
C LEU A 225 0.01 -10.69 -15.71
N PHE A 226 -1.08 -10.84 -14.93
CA PHE A 226 -1.01 -11.61 -13.74
C PHE A 226 -1.01 -13.11 -14.03
N ASN A 227 -1.20 -13.49 -15.29
CA ASN A 227 -1.04 -14.89 -15.69
C ASN A 227 0.39 -15.26 -16.07
N MET A 228 1.36 -14.36 -15.94
CA MET A 228 2.75 -14.62 -16.22
C MET A 228 3.49 -14.68 -14.95
N ASN A 229 4.67 -15.27 -14.99
CA ASN A 229 5.66 -15.16 -13.94
C ASN A 229 6.30 -13.76 -13.93
N ALA A 230 7.01 -13.46 -12.85
CA ALA A 230 7.68 -12.13 -12.74
C ALA A 230 8.60 -11.88 -13.87
N MET A 231 9.45 -12.86 -14.17
N MET A 231 9.43 -12.84 -14.29
CA MET A 231 10.41 -12.74 -15.26
CA MET A 231 10.37 -12.49 -15.39
C MET A 231 9.77 -12.31 -16.59
C MET A 231 9.64 -12.16 -16.67
N SER A 232 8.63 -12.92 -16.97
CA SER A 232 7.90 -12.65 -18.25
C SER A 232 7.18 -11.28 -18.18
N ALA A 233 6.59 -11.03 -17.01
CA ALA A 233 5.93 -9.73 -16.86
C ALA A 233 6.91 -8.55 -17.00
N LEU A 234 8.06 -8.66 -16.39
CA LEU A 234 9.04 -7.53 -16.33
C LEU A 234 9.45 -7.30 -17.76
N TYR A 235 9.65 -8.36 -18.52
CA TYR A 235 9.99 -8.17 -19.94
C TYR A 235 8.93 -7.53 -20.73
N HIS A 236 7.68 -7.93 -20.52
CA HIS A 236 6.59 -7.36 -21.24
C HIS A 236 6.36 -5.86 -20.83
N ILE A 237 6.55 -5.55 -19.52
CA ILE A 237 6.35 -4.18 -19.09
C ILE A 237 7.34 -3.24 -19.84
N ALA A 238 8.58 -3.68 -19.92
CA ALA A 238 9.64 -2.90 -20.61
C ALA A 238 9.39 -2.86 -22.07
N GLN A 239 9.03 -3.97 -22.68
CA GLN A 239 9.02 -4.05 -24.15
C GLN A 239 7.76 -3.59 -24.79
N ASN A 240 6.63 -3.78 -24.12
CA ASN A 240 5.36 -3.65 -24.80
C ASN A 240 4.51 -2.43 -24.40
N ASP A 241 3.47 -2.15 -25.17
CA ASP A 241 2.65 -0.96 -25.03
C ASP A 241 1.99 -1.02 -23.63
N SER A 242 1.76 0.12 -23.04
CA SER A 242 1.20 0.09 -21.72
C SER A 242 -0.24 -0.48 -21.75
N PRO A 243 -0.67 -1.07 -20.62
CA PRO A 243 -2.01 -1.58 -20.54
C PRO A 243 -3.03 -0.47 -20.46
N THR A 244 -4.26 -0.84 -20.67
CA THR A 244 -5.41 0.00 -20.47
C THR A 244 -6.57 -0.74 -19.85
N LEU A 245 -7.58 0.02 -19.43
CA LEU A 245 -8.85 -0.58 -18.93
C LEU A 245 -9.54 -1.38 -20.10
N GLN A 246 -9.94 -2.62 -19.81
CA GLN A 246 -10.55 -3.47 -20.83
C GLN A 246 -11.95 -3.04 -21.16
N SER A 247 -12.74 -2.73 -20.14
CA SER A 247 -14.16 -2.44 -20.39
C SER A 247 -14.41 -1.06 -20.93
N ASN A 248 -15.36 -0.95 -21.86
CA ASN A 248 -15.84 0.37 -22.24
C ASN A 248 -16.94 0.97 -21.32
N GLU A 249 -17.34 0.24 -20.29
CA GLU A 249 -18.31 0.77 -19.30
C GLU A 249 -17.78 2.00 -18.54
N TRP A 250 -16.47 2.11 -18.34
CA TRP A 250 -15.92 3.15 -17.51
C TRP A 250 -16.07 4.51 -18.15
N THR A 251 -16.19 5.54 -17.34
CA THR A 251 -16.31 6.89 -17.87
C THR A 251 -15.05 7.23 -18.61
N ASP A 252 -15.17 8.13 -19.56
CA ASP A 252 -13.99 8.61 -20.25
C ASP A 252 -12.95 9.22 -19.35
N SER A 253 -13.41 9.95 -18.33
CA SER A 253 -12.50 10.58 -17.40
C SER A 253 -11.62 9.53 -16.70
N PHE A 254 -12.23 8.40 -16.36
CA PHE A 254 -11.44 7.37 -15.62
C PHE A 254 -10.47 6.74 -16.59
N ARG A 255 -10.93 6.44 -17.79
CA ARG A 255 -10.05 5.93 -18.81
C ARG A 255 -8.90 6.93 -19.16
N ARG A 256 -9.19 8.23 -19.21
CA ARG A 256 -8.12 9.18 -19.50
C ARG A 256 -7.11 9.26 -18.35
N PHE A 257 -7.67 9.14 -17.14
CA PHE A 257 -6.80 9.12 -15.95
C PHE A 257 -5.75 7.98 -16.03
N VAL A 258 -6.26 6.78 -16.23
CA VAL A 258 -5.43 5.60 -16.31
C VAL A 258 -4.39 5.76 -17.39
N ASP A 259 -4.87 6.15 -18.58
CA ASP A 259 -3.87 6.32 -19.68
C ASP A 259 -2.77 7.32 -19.44
N TYR A 260 -3.07 8.38 -18.68
CA TYR A 260 -2.13 9.38 -18.31
C TYR A 260 -1.13 8.80 -17.31
N CYS A 261 -1.62 7.99 -16.36
CA CYS A 261 -0.67 7.34 -15.49
C CYS A 261 0.26 6.40 -16.12
N LEU A 262 -0.22 5.76 -17.18
CA LEU A 262 0.46 4.66 -17.81
C LEU A 262 1.20 5.11 -19.09
N GLN A 263 1.54 6.36 -19.11
CA GLN A 263 2.58 6.81 -20.08
C GLN A 263 3.89 6.18 -19.71
N LYS A 264 4.49 5.45 -20.66
CA LYS A 264 5.74 4.79 -20.35
C LYS A 264 6.94 5.69 -20.19
N ILE A 265 6.95 6.80 -20.93
CA ILE A 265 8.00 7.75 -20.81
C ILE A 265 7.71 8.69 -19.66
N PRO A 266 8.60 8.68 -18.65
CA PRO A 266 8.31 9.51 -17.43
C PRO A 266 8.11 10.96 -17.69
N GLN A 267 8.82 11.48 -18.67
CA GLN A 267 8.66 12.92 -18.97
C GLN A 267 7.26 13.22 -19.49
N GLU A 268 6.57 12.26 -20.07
CA GLU A 268 5.23 12.35 -20.55
C GLU A 268 4.09 12.00 -19.50
N ARG A 269 4.55 11.49 -18.36
CA ARG A 269 3.65 11.11 -17.27
C ARG A 269 3.51 12.29 -16.25
N PRO A 270 2.29 12.52 -15.75
CA PRO A 270 2.11 13.60 -14.71
C PRO A 270 2.74 13.28 -13.39
N THR A 271 3.08 14.31 -12.67
CA THR A 271 3.45 14.18 -11.27
C THR A 271 2.18 13.93 -10.43
N SER A 272 2.42 13.61 -9.16
CA SER A 272 1.35 13.50 -8.18
C SER A 272 0.58 14.83 -8.04
N ALA A 273 1.34 15.91 -7.99
CA ALA A 273 0.70 17.26 -7.85
C ALA A 273 -0.19 17.56 -9.06
N GLU A 274 0.30 17.21 -10.23
CA GLU A 274 -0.48 17.40 -11.44
C GLU A 274 -1.72 16.56 -11.52
N LEU A 275 -1.60 15.27 -11.11
CA LEU A 275 -2.73 14.42 -11.20
C LEU A 275 -3.85 14.72 -10.20
N LEU A 276 -3.50 15.40 -9.07
CA LEU A 276 -4.53 15.96 -8.20
C LEU A 276 -5.52 16.94 -8.86
N ARG A 277 -5.08 17.53 -9.96
CA ARG A 277 -5.95 18.42 -10.73
C ARG A 277 -6.70 17.77 -11.85
N HIS A 278 -6.49 16.48 -12.08
CA HIS A 278 -7.28 15.77 -13.04
C HIS A 278 -8.78 15.60 -12.74
N ASP A 279 -9.62 15.62 -13.79
CA ASP A 279 -11.10 15.53 -13.64
C ASP A 279 -11.61 14.30 -12.86
N PHE A 280 -10.99 13.16 -13.15
CA PHE A 280 -11.36 11.96 -12.44
C PHE A 280 -11.36 12.17 -10.92
N VAL A 281 -10.36 12.82 -10.36
CA VAL A 281 -10.34 12.99 -8.91
C VAL A 281 -11.00 14.31 -8.43
N ARG A 282 -11.11 15.26 -9.33
CA ARG A 282 -11.80 16.55 -9.04
C ARG A 282 -13.31 16.56 -9.17
N ARG A 283 -13.87 15.73 -10.06
CA ARG A 283 -15.29 15.51 -10.26
C ARG A 283 -16.01 15.32 -8.93
N ASP A 284 -17.17 15.97 -8.78
CA ASP A 284 -17.95 15.81 -7.58
C ASP A 284 -18.22 14.35 -7.39
N ARG A 285 -18.20 13.91 -6.14
CA ARG A 285 -18.73 12.59 -5.83
C ARG A 285 -19.43 12.62 -4.46
N PRO A 286 -20.22 11.58 -4.16
CA PRO A 286 -21.04 11.66 -2.96
C PRO A 286 -20.23 11.76 -1.70
N LEU A 287 -20.74 12.47 -0.71
CA LEU A 287 -19.97 12.68 0.53
C LEU A 287 -19.62 11.30 1.17
N ARG A 288 -20.58 10.39 1.11
CA ARG A 288 -20.54 9.14 1.89
C ARG A 288 -19.86 7.96 1.16
N VAL A 289 -19.17 8.22 0.07
CA VAL A 289 -18.74 7.10 -0.83
C VAL A 289 -17.90 6.07 -0.02
N LEU A 290 -16.92 6.54 0.69
CA LEU A 290 -16.04 5.63 1.48
C LEU A 290 -16.69 5.04 2.71
N ILE A 291 -17.51 5.83 3.41
CA ILE A 291 -18.29 5.28 4.51
C ILE A 291 -19.21 4.18 4.05
N ASP A 292 -19.85 4.41 2.89
CA ASP A 292 -20.81 3.38 2.38
C ASP A 292 -20.10 2.12 1.86
N LEU A 293 -18.87 2.33 1.33
CA LEU A 293 -18.03 1.20 0.87
C LEU A 293 -17.67 0.33 2.09
N ILE A 294 -17.29 1.00 3.13
CA ILE A 294 -17.00 0.28 4.40
C ILE A 294 -18.20 -0.50 4.93
N GLN A 295 -19.35 0.18 5.02
CA GLN A 295 -20.52 -0.48 5.50
C GLN A 295 -20.94 -1.65 4.64
N ARG A 296 -20.92 -1.51 3.32
CA ARG A 296 -21.36 -2.57 2.44
C ARG A 296 -20.35 -3.74 2.54
N THR A 297 -19.09 -3.41 2.84
CA THR A 297 -18.08 -4.46 3.08
C THR A 297 -18.34 -5.26 4.37
N LYS A 298 -18.60 -4.58 5.46
CA LYS A 298 -18.97 -5.30 6.68
C LYS A 298 -20.23 -6.16 6.44
N ASP A 299 -21.23 -5.59 5.78
CA ASP A 299 -22.46 -6.32 5.57
C ASP A 299 -22.15 -7.58 4.71
N ALA A 300 -21.25 -7.46 3.74
CA ALA A 300 -20.93 -8.61 2.89
C ALA A 300 -20.09 -9.67 3.70
N VAL A 301 -19.20 -9.22 4.61
CA VAL A 301 -18.49 -10.18 5.41
C VAL A 301 -19.43 -11.01 6.28
N ARG A 302 -20.46 -10.34 6.81
CA ARG A 302 -21.47 -11.07 7.57
C ARG A 302 -22.23 -12.13 6.78
N GLU A 303 -22.30 -12.03 5.47
CA GLU A 303 -22.93 -13.01 4.63
C GLU A 303 -22.02 -14.05 4.06
N LEU A 304 -20.70 -13.93 4.26
CA LEU A 304 -19.81 -14.90 3.67
C LEU A 304 -19.97 -16.29 4.24
N ASP A 305 -19.64 -17.32 3.46
CA ASP A 305 -19.60 -18.63 4.01
C ASP A 305 -18.40 -18.79 4.98
N ASN A 306 -18.32 -19.84 5.80
CA ASN A 306 -17.20 -19.92 6.72
C ASN A 306 -15.83 -20.01 6.05
N LEU A 307 -15.75 -20.62 4.86
CA LEU A 307 -14.45 -20.68 4.10
C LEU A 307 -13.88 -19.28 3.89
N GLN A 308 -14.75 -18.42 3.35
CA GLN A 308 -14.35 -17.04 3.07
C GLN A 308 -14.29 -16.19 4.30
N TYR A 309 -15.23 -16.39 5.23
CA TYR A 309 -15.17 -15.64 6.48
C TYR A 309 -13.91 -15.84 7.28
N ARG A 310 -13.41 -17.06 7.30
CA ARG A 310 -12.18 -17.38 8.03
C ARG A 310 -11.07 -16.51 7.57
N LYS A 311 -11.09 -16.14 6.31
CA LYS A 311 -10.02 -15.30 5.80
C LYS A 311 -10.27 -13.82 6.07
N MET A 312 -11.53 -13.40 6.02
CA MET A 312 -11.88 -11.98 6.09
C MET A 312 -12.52 -11.45 7.41
N LYS A 313 -12.58 -12.31 8.44
CA LYS A 313 -13.18 -11.94 9.69
C LYS A 313 -12.61 -10.68 10.33
N LYS A 314 -11.34 -10.36 9.97
CA LYS A 314 -10.79 -9.12 10.54
C LYS A 314 -11.57 -7.89 10.30
N ILE A 315 -12.35 -7.83 9.24
CA ILE A 315 -13.13 -6.67 8.85
C ILE A 315 -14.18 -6.33 9.96
N LEU A 316 -14.56 -7.30 10.75
CA LEU A 316 -15.56 -7.08 11.83
C LEU A 316 -14.92 -7.01 13.21
N PHE A 317 -13.60 -6.91 13.27
CA PHE A 317 -12.88 -6.90 14.57
C PHE A 317 -13.26 -5.74 15.48
N GLN A 318 -13.80 -4.64 14.99
CA GLN A 318 -14.20 -3.46 15.86
C GLN A 318 -15.74 -3.42 16.04
P PO4 B . 17.86 1.85 -3.72
O2 PO4 B . 17.36 2.93 -4.53
O3 PO4 B . 16.97 1.28 -2.66
O4 PO4 B . 19.27 2.00 -3.12
S SO4 C . 0.17 -8.31 -1.02
O1 SO4 C . -0.85 -8.91 -1.93
O2 SO4 C . -0.24 -8.21 0.42
O3 SO4 C . 1.45 -9.10 -0.95
O4 SO4 C . 0.49 -6.93 -1.52
MG MG D . 2.38 -4.95 1.65
PB ADP E . 4.33 -6.64 3.69
O1B ADP E . 3.46 -6.61 2.35
O2B ADP E . 5.47 -5.64 3.77
O3B ADP E . 5.29 -7.74 4.10
PA ADP E . 2.47 -4.91 4.98
O1A ADP E . 1.96 -4.55 3.63
O2A ADP E . 2.98 -3.79 5.83
O3A ADP E . 3.48 -6.04 4.91
O5' ADP E . 1.25 -5.59 5.79
C5' ADP E . 0.57 -6.76 5.19
C4' ADP E . -0.93 -6.63 5.40
O4' ADP E . -1.21 -6.45 6.80
C3' ADP E . -1.57 -5.43 4.71
O3' ADP E . -1.71 -5.70 3.25
C2' ADP E . -2.84 -5.25 5.53
O2' ADP E . -3.82 -6.27 5.09
C1' ADP E . -2.38 -5.61 6.89
N9 ADP E . -1.89 -4.36 7.55
C8 ADP E . -0.64 -3.86 7.53
N7 ADP E . -0.56 -2.66 8.28
C5 ADP E . -1.78 -2.49 8.76
C6 ADP E . -2.48 -1.57 9.58
N6 ADP E . -1.79 -0.51 10.05
N1 ADP E . -3.76 -1.71 9.92
C2 ADP E . -4.47 -2.76 9.44
N3 ADP E . -3.95 -3.74 8.62
C4 ADP E . -2.64 -3.61 8.30
H5'1 ADP E . 0.93 -7.67 5.67
H5'2 ADP E . 0.78 -6.83 4.11
H4' ADP E . -1.41 -7.54 5.04
H3' ADP E . -0.94 -4.55 4.86
HO3' ADP E . -2.15 -4.95 2.83
H2' ADP E . -3.21 -4.23 5.47
HO2' ADP E . -4.05 -6.12 4.16
H1' ADP E . -3.19 -6.11 7.45
H8 ADP E . 0.18 -4.27 6.98
HN61 ADP E . -0.81 -0.39 9.84
HN62 ADP E . -2.25 0.17 10.65
H2 ADP E . -5.50 -2.85 9.70
#